data_8PF2
#
_entry.id   8PF2
#
_cell.length_a   40.966
_cell.length_b   59.120
_cell.length_c   67.064
_cell.angle_alpha   90.000
_cell.angle_beta   97.277
_cell.angle_gamma   90.000
#
_symmetry.space_group_name_H-M   'P 1 21 1'
#
loop_
_entity.id
_entity.type
_entity.pdbx_description
1 polymer 'Chemotaxis protein CheA'
2 non-polymer RESORCINOL
3 water water
#
_entity_poly.entity_id   1
_entity_poly.type   'polypeptide(L)'
_entity_poly.pdbx_seq_one_letter_code
;GSHMVPISFVFNRFPRMVRDLAKKMNKEVNFIMRGEDTELDRTFVEEIGEPLLHLLRNAIDHGIEPKEERIAKGKPPIGT
LILSARHEGNNVVIEVEDDGRGIDKEKIIRKAIEKGLIDESKAATLSDQEILNFLFVPGFSTKEKVSEVSGRGVGMDVVK
NVVESLNGSISIESEKDKGTKVTIRLPLT
;
_entity_poly.pdbx_strand_id   B,A
#
# COMPACT_ATOMS: atom_id res chain seq x y z
N VAL A 5 11.03 1.68 9.24
CA VAL A 5 9.89 1.28 10.11
C VAL A 5 10.17 -0.11 10.62
N PRO A 6 9.66 -0.52 11.80
CA PRO A 6 9.50 -1.92 12.13
C PRO A 6 8.44 -2.53 11.20
N ILE A 7 8.64 -3.82 10.88
CA ILE A 7 7.78 -4.48 9.93
C ILE A 7 6.41 -4.75 10.59
N SER A 8 6.35 -4.75 11.89
CA SER A 8 5.13 -4.82 12.69
C SER A 8 4.04 -3.83 12.26
N PHE A 9 4.38 -2.66 11.72
CA PHE A 9 3.39 -1.77 11.13
C PHE A 9 2.57 -2.50 10.06
N VAL A 10 3.16 -3.47 9.32
CA VAL A 10 2.46 -4.36 8.40
C VAL A 10 1.99 -5.60 9.14
N PHE A 11 2.87 -6.29 9.86
CA PHE A 11 2.50 -7.56 10.48
C PHE A 11 1.34 -7.47 11.48
N ASN A 12 1.15 -6.32 12.17
CA ASN A 12 0.07 -6.14 13.13
C ASN A 12 -1.31 -6.17 12.54
N ARG A 13 -1.43 -6.02 11.21
CA ARG A 13 -2.73 -6.09 10.59
C ARG A 13 -3.06 -7.53 10.24
N PHE A 14 -2.11 -8.47 10.24
CA PHE A 14 -2.43 -9.78 9.67
C PHE A 14 -3.27 -10.65 10.61
N PRO A 15 -3.13 -10.61 11.96
CA PRO A 15 -3.94 -11.52 12.78
C PRO A 15 -5.46 -11.37 12.54
N ARG A 16 -5.94 -10.12 12.44
CA ARG A 16 -7.32 -9.95 12.11
C ARG A 16 -7.70 -10.50 10.73
N MET A 17 -6.86 -10.24 9.71
CA MET A 17 -7.21 -10.63 8.35
C MET A 17 -7.20 -12.18 8.21
N VAL A 18 -6.19 -12.84 8.81
CA VAL A 18 -6.06 -14.31 8.76
C VAL A 18 -7.25 -14.90 9.47
N ARG A 19 -7.56 -14.38 10.64
CA ARG A 19 -8.74 -14.80 11.36
C ARG A 19 -10.07 -14.61 10.58
N ASP A 20 -10.26 -13.47 9.93
CA ASP A 20 -11.45 -13.28 9.12
C ASP A 20 -11.42 -14.23 7.93
N LEU A 21 -10.28 -14.46 7.30
CA LEU A 21 -10.25 -15.37 6.18
C LEU A 21 -10.49 -16.82 6.58
N ALA A 22 -10.00 -17.22 7.75
CA ALA A 22 -10.13 -18.57 8.26
C ALA A 22 -11.59 -18.83 8.60
N LYS A 23 -12.24 -17.86 9.21
CA LYS A 23 -13.69 -17.87 9.48
C LYS A 23 -14.53 -17.97 8.19
N LYS A 24 -14.28 -17.13 7.20
CA LYS A 24 -14.94 -17.21 5.90
C LYS A 24 -14.78 -18.58 5.25
N MET A 25 -13.60 -19.22 5.35
CA MET A 25 -13.28 -20.44 4.63
C MET A 25 -13.55 -21.65 5.50
N ASN A 26 -14.08 -21.47 6.72
CA ASN A 26 -14.42 -22.53 7.63
C ASN A 26 -13.17 -23.37 7.94
N LYS A 27 -12.07 -22.68 8.25
CA LYS A 27 -10.78 -23.32 8.40
C LYS A 27 -10.18 -22.93 9.73
N GLU A 28 -9.55 -23.90 10.39
CA GLU A 28 -8.92 -23.75 11.68
C GLU A 28 -7.44 -23.53 11.36
N VAL A 29 -6.87 -22.39 11.82
CA VAL A 29 -5.51 -21.96 11.53
C VAL A 29 -4.84 -21.54 12.82
N ASN A 30 -3.63 -22.04 13.05
CA ASN A 30 -2.74 -21.60 14.10
C ASN A 30 -1.75 -20.63 13.44
N PHE A 31 -1.91 -19.34 13.71
CA PHE A 31 -1.17 -18.30 13.04
C PHE A 31 -0.09 -17.76 13.95
N ILE A 32 1.15 -17.78 13.49
CA ILE A 32 2.26 -17.38 14.32
C ILE A 32 3.08 -16.37 13.54
N MET A 33 3.44 -15.27 14.21
CA MET A 33 4.28 -14.25 13.67
C MET A 33 5.56 -14.18 14.44
N ARG A 34 6.71 -14.13 13.73
CA ARG A 34 8.00 -13.96 14.38
C ARG A 34 8.88 -12.90 13.70
N GLY A 35 9.78 -12.24 14.43
CA GLY A 35 10.67 -11.23 13.89
C GLY A 35 9.97 -9.89 13.57
N GLU A 36 8.85 -9.59 14.22
CA GLU A 36 8.08 -8.38 13.93
C GLU A 36 8.87 -7.08 14.21
N ASP A 37 9.95 -7.17 15.02
CA ASP A 37 10.87 -6.07 15.35
C ASP A 37 11.67 -5.62 14.14
N THR A 38 11.81 -6.51 13.14
CA THR A 38 12.67 -6.33 12.02
C THR A 38 12.35 -5.01 11.33
N GLU A 39 13.38 -4.20 11.11
CA GLU A 39 13.19 -2.84 10.67
C GLU A 39 13.65 -2.79 9.22
N LEU A 40 12.96 -1.98 8.40
CA LEU A 40 13.37 -1.74 7.02
C LEU A 40 12.75 -0.45 6.50
N ASP A 41 13.25 0.02 5.34
CA ASP A 41 12.86 1.30 4.73
C ASP A 41 11.36 1.38 4.57
N ARG A 42 10.84 2.61 4.79
CA ARG A 42 9.42 2.90 4.78
C ARG A 42 8.84 2.56 3.40
N THR A 43 9.60 2.75 2.31
CA THR A 43 9.07 2.38 1.00
C THR A 43 8.70 0.89 0.95
N PHE A 44 9.48 0.06 1.66
CA PHE A 44 9.19 -1.37 1.64
C PHE A 44 7.92 -1.64 2.43
N VAL A 45 7.78 -1.05 3.61
CA VAL A 45 6.64 -1.37 4.48
C VAL A 45 5.34 -0.93 3.82
N GLU A 46 5.38 0.17 3.06
CA GLU A 46 4.19 0.67 2.38
C GLU A 46 3.76 -0.25 1.26
N GLU A 47 4.68 -1.03 0.64
CA GLU A 47 4.39 -1.82 -0.54
C GLU A 47 4.34 -3.32 -0.25
N ILE A 48 4.93 -3.81 0.85
CA ILE A 48 5.05 -5.26 1.05
C ILE A 48 3.76 -5.89 1.58
N GLY A 49 2.84 -5.05 2.08
CA GLY A 49 1.58 -5.49 2.66
C GLY A 49 0.70 -6.37 1.76
N GLU A 50 0.48 -5.87 0.55
CA GLU A 50 -0.48 -6.50 -0.35
C GLU A 50 0.07 -7.86 -0.81
N PRO A 51 1.31 -7.98 -1.35
CA PRO A 51 1.89 -9.28 -1.66
C PRO A 51 1.88 -10.29 -0.52
N LEU A 52 2.16 -9.83 0.71
CA LEU A 52 2.13 -10.76 1.84
C LEU A 52 0.71 -11.19 2.15
N LEU A 53 -0.25 -10.27 2.03
CA LEU A 53 -1.63 -10.65 2.21
C LEU A 53 -2.07 -11.72 1.20
N HIS A 54 -1.63 -11.58 -0.04
CA HIS A 54 -1.97 -12.56 -1.06
C HIS A 54 -1.41 -13.92 -0.65
N LEU A 55 -0.16 -13.94 -0.21
CA LEU A 55 0.46 -15.21 0.15
C LEU A 55 -0.24 -15.84 1.36
N LEU A 56 -0.65 -15.03 2.34
CA LEU A 56 -1.39 -15.55 3.47
C LEU A 56 -2.75 -16.12 3.04
N ARG A 57 -3.48 -15.41 2.17
CA ARG A 57 -4.70 -15.90 1.57
C ARG A 57 -4.48 -17.24 0.87
N ASN A 58 -3.47 -17.34 0.03
CA ASN A 58 -3.21 -18.56 -0.67
C ASN A 58 -2.99 -19.74 0.28
N ALA A 59 -2.18 -19.54 1.33
CA ALA A 59 -1.88 -20.59 2.30
C ALA A 59 -3.17 -21.07 2.94
N ILE A 60 -4.10 -20.17 3.27
CA ILE A 60 -5.30 -20.51 4.01
C ILE A 60 -6.32 -21.18 3.09
N ASP A 61 -6.42 -20.71 1.86
CA ASP A 61 -7.37 -21.21 0.87
C ASP A 61 -6.89 -22.57 0.28
N HIS A 62 -5.73 -22.58 -0.36
CA HIS A 62 -5.25 -23.71 -1.14
C HIS A 62 -4.32 -24.59 -0.33
N GLY A 63 -3.80 -24.09 0.82
CA GLY A 63 -2.76 -24.84 1.50
C GLY A 63 -3.28 -25.70 2.63
N ILE A 64 -3.67 -25.00 3.68
CA ILE A 64 -4.14 -25.59 4.92
C ILE A 64 -5.38 -26.41 4.58
N GLU A 65 -5.41 -27.66 5.04
CA GLU A 65 -6.56 -28.54 4.88
C GLU A 65 -7.47 -28.42 6.10
N PRO A 66 -8.80 -28.66 5.95
CA PRO A 66 -9.70 -28.65 7.10
C PRO A 66 -9.28 -29.71 8.10
N LYS A 67 -9.49 -29.36 9.37
CA LYS A 67 -9.15 -30.22 10.49
C LYS A 67 -9.47 -31.71 10.24
N GLU A 68 -10.68 -32.02 9.77
CA GLU A 68 -11.08 -33.41 9.56
C GLU A 68 -10.22 -34.10 8.50
N GLU A 69 -9.86 -33.38 7.43
CA GLU A 69 -8.92 -33.87 6.43
C GLU A 69 -7.51 -34.08 7.01
N ARG A 70 -7.04 -33.14 7.84
CA ARG A 70 -5.75 -33.29 8.48
C ARG A 70 -5.78 -34.53 9.37
N ILE A 71 -6.84 -34.70 10.19
CA ILE A 71 -6.95 -35.85 11.07
C ILE A 71 -6.96 -37.15 10.26
N ALA A 72 -7.66 -37.21 9.11
CA ALA A 72 -7.71 -38.43 8.30
C ALA A 72 -6.34 -38.76 7.71
N LYS A 73 -5.52 -37.77 7.41
CA LYS A 73 -4.19 -38.01 6.90
C LYS A 73 -3.17 -38.18 8.03
N GLY A 74 -3.56 -38.17 9.30
CA GLY A 74 -2.55 -38.25 10.37
C GLY A 74 -1.66 -37.02 10.56
N LYS A 75 -2.18 -35.83 10.29
CA LYS A 75 -1.46 -34.62 10.61
C LYS A 75 -1.95 -34.10 11.94
N PRO A 76 -1.16 -33.23 12.64
CA PRO A 76 -1.65 -32.35 13.71
C PRO A 76 -2.96 -31.68 13.26
N PRO A 77 -4.06 -31.78 14.03
CA PRO A 77 -5.37 -31.44 13.50
C PRO A 77 -5.50 -30.02 12.98
N ILE A 78 -4.91 -29.04 13.68
CA ILE A 78 -5.01 -27.66 13.24
C ILE A 78 -3.78 -27.34 12.40
N GLY A 79 -3.92 -26.82 11.19
CA GLY A 79 -2.80 -26.31 10.41
C GLY A 79 -2.15 -25.03 10.96
N THR A 80 -0.84 -24.91 10.72
CA THR A 80 0.03 -23.85 11.18
C THR A 80 0.46 -22.99 9.99
N LEU A 81 0.34 -21.66 10.17
CA LEU A 81 0.82 -20.67 9.27
C LEU A 81 1.83 -19.80 10.03
N ILE A 82 3.08 -19.74 9.57
CA ILE A 82 4.16 -18.96 10.16
C ILE A 82 4.60 -17.87 9.18
N LEU A 83 4.51 -16.64 9.68
CA LEU A 83 5.02 -15.49 8.98
C LEU A 83 6.17 -14.96 9.78
N SER A 84 7.30 -14.76 9.10
CA SER A 84 8.56 -14.45 9.80
C SER A 84 9.27 -13.34 9.06
N ALA A 85 10.02 -12.52 9.80
CA ALA A 85 11.02 -11.64 9.19
C ALA A 85 12.37 -11.74 9.93
N ARG A 86 13.47 -11.62 9.21
CA ARG A 86 14.78 -11.51 9.86
C ARG A 86 15.71 -10.75 8.92
N HIS A 87 16.83 -10.30 9.46
CA HIS A 87 17.91 -9.68 8.73
C HIS A 87 18.84 -10.78 8.24
N GLU A 88 19.27 -10.68 6.98
CA GLU A 88 20.35 -11.50 6.46
C GLU A 88 21.33 -10.60 5.68
N GLY A 89 22.43 -10.20 6.32
CA GLY A 89 23.36 -9.26 5.72
C GLY A 89 22.74 -7.88 5.75
N ASN A 90 22.73 -7.19 4.61
CA ASN A 90 21.88 -6.00 4.44
C ASN A 90 20.61 -6.35 3.66
N ASN A 91 20.17 -7.60 3.70
CA ASN A 91 18.85 -7.93 3.17
C ASN A 91 17.94 -8.22 4.36
N VAL A 92 16.64 -8.10 4.10
CA VAL A 92 15.59 -8.65 4.94
C VAL A 92 14.96 -9.85 4.23
N VAL A 93 14.77 -10.93 4.98
CA VAL A 93 14.15 -12.15 4.47
C VAL A 93 12.81 -12.33 5.18
N ILE A 94 11.74 -12.41 4.40
CA ILE A 94 10.37 -12.63 4.89
C ILE A 94 9.90 -13.99 4.34
N GLU A 95 9.41 -14.84 5.25
CA GLU A 95 8.95 -16.19 4.95
C GLU A 95 7.51 -16.32 5.36
N VAL A 96 6.71 -16.92 4.47
CA VAL A 96 5.38 -17.43 4.78
C VAL A 96 5.45 -18.94 4.64
N GLU A 97 5.28 -19.67 5.76
CA GLU A 97 5.34 -21.13 5.71
C GLU A 97 4.03 -21.72 6.25
N ASP A 98 3.49 -22.73 5.57
CA ASP A 98 2.34 -23.50 6.03
C ASP A 98 2.70 -24.99 6.03
N ASP A 99 2.03 -25.77 6.86
CA ASP A 99 2.15 -27.24 6.90
C ASP A 99 0.90 -27.89 6.27
N GLY A 100 0.42 -27.33 5.15
CA GLY A 100 -0.74 -27.80 4.45
C GLY A 100 -0.45 -28.83 3.39
N ARG A 101 -1.28 -28.81 2.32
CA ARG A 101 -1.26 -29.93 1.37
C ARG A 101 -0.11 -29.81 0.40
N GLY A 102 0.54 -28.65 0.31
CA GLY A 102 1.65 -28.47 -0.60
C GLY A 102 1.14 -28.26 -2.03
N ILE A 103 2.06 -27.99 -2.95
CA ILE A 103 1.72 -27.72 -4.37
C ILE A 103 1.85 -29.04 -5.11
N ASP A 104 0.85 -29.42 -5.92
CA ASP A 104 0.92 -30.66 -6.69
C ASP A 104 1.77 -30.41 -7.96
N LYS A 105 2.99 -30.89 -7.97
CA LYS A 105 3.93 -30.70 -9.07
C LYS A 105 3.49 -31.42 -10.33
N GLU A 106 2.78 -32.54 -10.19
CA GLU A 106 2.29 -33.28 -11.31
C GLU A 106 1.19 -32.52 -12.02
N LYS A 107 0.34 -31.85 -11.25
CA LYS A 107 -0.66 -30.94 -11.78
C LYS A 107 -0.04 -29.78 -12.52
N ILE A 108 1.05 -29.22 -12.00
CA ILE A 108 1.76 -28.16 -12.72
C ILE A 108 2.21 -28.58 -14.09
N ILE A 109 2.89 -29.75 -14.11
CA ILE A 109 3.34 -30.31 -15.36
C ILE A 109 2.21 -30.50 -16.38
N ARG A 110 1.15 -31.15 -15.94
CA ARG A 110 -0.01 -31.35 -16.77
C ARG A 110 -0.53 -30.05 -17.41
N LYS A 111 -0.64 -29.01 -16.56
CA LYS A 111 -1.14 -27.72 -17.00
C LYS A 111 -0.18 -27.13 -17.98
N ALA A 112 1.13 -27.17 -17.63
CA ALA A 112 2.14 -26.63 -18.54
C ALA A 112 2.11 -27.28 -19.92
N ILE A 113 1.90 -28.63 -19.95
CA ILE A 113 1.76 -29.33 -21.23
C ILE A 113 0.50 -28.87 -21.95
N GLU A 114 -0.61 -28.80 -21.23
CA GLU A 114 -1.84 -28.34 -21.84
C GLU A 114 -1.71 -26.93 -22.44
N LYS A 115 -0.97 -26.06 -21.78
CA LYS A 115 -0.76 -24.70 -22.25
C LYS A 115 0.31 -24.62 -23.33
N GLY A 116 0.89 -25.77 -23.79
CA GLY A 116 1.85 -25.79 -24.85
C GLY A 116 3.24 -25.27 -24.42
N LEU A 117 3.50 -25.10 -23.14
CA LEU A 117 4.75 -24.50 -22.71
C LEU A 117 5.90 -25.50 -22.66
N ILE A 118 5.64 -26.84 -22.69
CA ILE A 118 6.68 -27.87 -22.63
C ILE A 118 6.09 -29.15 -23.19
N ASP A 119 6.91 -30.04 -23.71
CA ASP A 119 6.37 -31.34 -24.18
C ASP A 119 6.63 -32.36 -23.09
N GLU A 120 6.01 -33.53 -23.23
CA GLU A 120 6.12 -34.60 -22.25
C GLU A 120 7.57 -35.03 -22.05
N SER A 121 8.38 -35.12 -23.11
CA SER A 121 9.77 -35.63 -22.95
C SER A 121 10.59 -34.69 -22.08
N LYS A 122 10.43 -33.37 -22.29
CA LYS A 122 11.21 -32.39 -21.54
C LYS A 122 10.71 -32.34 -20.11
N ALA A 123 9.41 -32.65 -19.87
CA ALA A 123 8.90 -32.56 -18.50
C ALA A 123 9.54 -33.61 -17.57
N ALA A 124 9.90 -34.77 -18.10
CA ALA A 124 10.49 -35.85 -17.31
C ALA A 124 11.81 -35.50 -16.61
N THR A 125 12.60 -34.52 -17.09
CA THR A 125 13.88 -34.25 -16.43
C THR A 125 13.90 -32.90 -15.74
N LEU A 126 12.72 -32.27 -15.55
CA LEU A 126 12.71 -30.97 -14.91
C LEU A 126 13.00 -31.16 -13.45
N SER A 127 13.73 -30.23 -12.85
CA SER A 127 13.95 -30.23 -11.42
C SER A 127 12.70 -29.68 -10.74
N ASP A 128 12.66 -29.77 -9.44
CA ASP A 128 11.53 -29.28 -8.63
C ASP A 128 11.41 -27.77 -8.69
N GLN A 129 12.57 -27.07 -8.76
CA GLN A 129 12.56 -25.63 -8.84
C GLN A 129 12.13 -25.16 -10.23
N GLU A 130 12.51 -25.86 -11.30
CA GLU A 130 11.98 -25.48 -12.61
C GLU A 130 10.49 -25.74 -12.70
N ILE A 131 9.98 -26.77 -12.01
CA ILE A 131 8.55 -27.02 -12.03
C ILE A 131 7.82 -25.87 -11.33
N LEU A 132 8.21 -25.60 -10.08
CA LEU A 132 7.60 -24.54 -9.29
C LEU A 132 7.69 -23.15 -9.95
N ASN A 133 8.74 -22.87 -10.68
CA ASN A 133 8.86 -21.68 -11.51
C ASN A 133 7.73 -21.47 -12.49
N PHE A 134 7.02 -22.52 -12.92
CA PHE A 134 5.85 -22.33 -13.76
C PHE A 134 4.80 -21.48 -13.07
N LEU A 135 4.75 -21.50 -11.75
CA LEU A 135 3.75 -20.70 -11.07
C LEU A 135 3.94 -19.21 -11.29
N PHE A 136 5.14 -18.75 -11.65
CA PHE A 136 5.40 -17.35 -11.85
C PHE A 136 5.13 -16.92 -13.29
N VAL A 137 4.70 -17.84 -14.17
CA VAL A 137 4.36 -17.50 -15.53
C VAL A 137 3.03 -16.76 -15.52
N PRO A 138 2.98 -15.52 -16.05
CA PRO A 138 1.78 -14.69 -15.93
C PRO A 138 0.55 -15.49 -16.31
N GLY A 139 -0.45 -15.57 -15.39
CA GLY A 139 -1.70 -16.37 -15.28
C GLY A 139 -1.59 -17.84 -15.60
N PHE A 140 -0.50 -18.40 -15.12
CA PHE A 140 -0.40 -19.83 -15.14
C PHE A 140 -1.50 -20.45 -14.32
N SER A 141 -1.72 -19.97 -13.11
CA SER A 141 -2.62 -20.64 -12.16
C SER A 141 -4.11 -20.43 -12.50
N VAL A 154 -2.13 -19.47 -6.45
CA VAL A 154 -2.77 -18.42 -7.32
C VAL A 154 -2.03 -17.08 -7.15
N GLY A 155 -1.94 -16.40 -8.30
CA GLY A 155 -1.50 -15.02 -8.44
C GLY A 155 -0.01 -14.84 -8.28
N MET A 156 0.80 -15.93 -8.39
CA MET A 156 2.19 -15.87 -7.98
C MET A 156 2.96 -14.91 -8.91
N ASP A 157 2.55 -14.80 -10.18
CA ASP A 157 3.07 -13.79 -11.08
C ASP A 157 2.82 -12.36 -10.59
N VAL A 158 1.67 -11.99 -10.02
CA VAL A 158 1.47 -10.60 -9.56
C VAL A 158 2.25 -10.34 -8.24
N VAL A 159 2.34 -11.32 -7.38
CA VAL A 159 3.20 -11.22 -6.20
C VAL A 159 4.64 -10.95 -6.64
N LYS A 160 5.09 -11.72 -7.63
CA LYS A 160 6.42 -11.56 -8.19
C LYS A 160 6.62 -10.15 -8.71
N ASN A 161 5.65 -9.63 -9.44
CA ASN A 161 5.83 -8.31 -10.07
C ASN A 161 5.98 -7.23 -9.02
N VAL A 162 5.26 -7.33 -7.92
CA VAL A 162 5.47 -6.35 -6.83
C VAL A 162 6.83 -6.53 -6.16
N VAL A 163 7.25 -7.77 -5.85
CA VAL A 163 8.53 -7.95 -5.19
C VAL A 163 9.67 -7.38 -6.05
N GLU A 164 9.52 -7.53 -7.35
CA GLU A 164 10.49 -7.16 -8.35
C GLU A 164 10.55 -5.65 -8.49
N SER A 165 9.39 -4.97 -8.41
CA SER A 165 9.38 -3.52 -8.40
C SER A 165 10.09 -3.00 -7.13
N LEU A 166 10.25 -3.81 -6.06
CA LEU A 166 11.05 -3.45 -4.89
C LEU A 166 12.49 -3.96 -4.95
N ASN A 167 12.92 -4.44 -6.12
CA ASN A 167 14.23 -5.03 -6.33
C ASN A 167 14.44 -6.23 -5.41
N GLY A 168 13.36 -6.96 -5.06
CA GLY A 168 13.53 -8.17 -4.30
C GLY A 168 13.51 -9.42 -5.18
N SER A 169 13.72 -10.56 -4.57
CA SER A 169 13.55 -11.85 -5.23
C SER A 169 12.58 -12.69 -4.40
N ILE A 170 11.98 -13.65 -5.08
CA ILE A 170 11.06 -14.57 -4.43
C ILE A 170 11.37 -16.00 -4.84
N SER A 171 11.19 -16.91 -3.88
CA SER A 171 11.30 -18.33 -4.17
C SER A 171 10.22 -19.10 -3.44
N ILE A 172 9.90 -20.25 -4.02
CA ILE A 172 8.93 -21.15 -3.47
C ILE A 172 9.54 -22.54 -3.33
N GLU A 173 9.18 -23.20 -2.23
CA GLU A 173 9.48 -24.60 -1.98
C GLU A 173 8.21 -25.23 -1.48
N SER A 174 8.01 -26.47 -1.88
CA SER A 174 6.74 -27.12 -1.63
C SER A 174 6.91 -28.60 -1.78
N GLU A 175 6.23 -29.35 -0.93
CA GLU A 175 6.22 -30.79 -1.17
C GLU A 175 4.85 -31.24 -0.78
N LYS A 176 4.34 -32.18 -1.57
CA LYS A 176 2.98 -32.72 -1.50
C LYS A 176 2.72 -33.32 -0.12
N ASP A 177 1.61 -32.87 0.55
CA ASP A 177 1.27 -33.21 1.93
C ASP A 177 2.17 -32.63 3.02
N LYS A 178 3.25 -31.94 2.67
CA LYS A 178 4.21 -31.43 3.62
C LYS A 178 3.95 -29.95 3.88
N GLY A 179 3.78 -29.21 2.80
CA GLY A 179 3.46 -27.80 2.90
C GLY A 179 4.33 -26.99 1.96
N THR A 180 4.27 -25.71 2.20
CA THR A 180 4.76 -24.70 1.29
C THR A 180 5.49 -23.60 2.06
N LYS A 181 6.62 -23.17 1.52
CA LYS A 181 7.36 -22.02 1.98
C LYS A 181 7.69 -21.09 0.83
N VAL A 182 7.16 -19.87 0.94
CA VAL A 182 7.51 -18.75 0.08
C VAL A 182 8.43 -17.83 0.84
N THR A 183 9.56 -17.49 0.23
CA THR A 183 10.59 -16.60 0.79
C THR A 183 10.79 -15.41 -0.13
N ILE A 184 10.71 -14.22 0.44
CA ILE A 184 10.97 -12.94 -0.18
C ILE A 184 12.23 -12.32 0.41
N ARG A 185 13.18 -12.02 -0.46
CA ARG A 185 14.40 -11.33 -0.08
C ARG A 185 14.32 -9.89 -0.59
N LEU A 186 14.50 -8.93 0.33
CA LEU A 186 14.47 -7.51 -0.03
C LEU A 186 15.80 -6.86 0.28
N PRO A 187 16.28 -5.93 -0.59
CA PRO A 187 17.50 -5.14 -0.31
C PRO A 187 17.33 -4.06 0.75
N LEU A 188 18.47 -3.56 1.27
CA LEU A 188 18.71 -2.42 2.16
C LEU A 188 19.24 -2.90 3.53
N VAL B 5 5.63 35.91 11.68
CA VAL B 5 5.15 35.27 12.93
C VAL B 5 5.36 33.77 12.77
N PRO B 6 5.28 33.06 13.92
CA PRO B 6 5.19 31.60 13.87
C PRO B 6 3.87 31.13 13.20
N ILE B 7 3.97 30.04 12.47
CA ILE B 7 2.85 29.47 11.74
C ILE B 7 1.88 28.82 12.71
N SER B 8 2.30 28.57 13.99
CA SER B 8 1.42 28.09 15.03
C SER B 8 0.17 28.96 15.22
N PHE B 9 0.24 30.25 14.93
CA PHE B 9 -0.94 31.10 14.98
C PHE B 9 -2.03 30.53 14.10
N VAL B 10 -1.71 29.93 12.93
CA VAL B 10 -2.68 29.18 12.14
C VAL B 10 -2.75 27.72 12.60
N PHE B 11 -1.60 27.06 12.77
CA PHE B 11 -1.65 25.61 13.00
C PHE B 11 -2.45 25.23 14.27
N ASN B 12 -2.48 26.13 15.28
CA ASN B 12 -3.05 25.83 16.59
C ASN B 12 -4.55 25.74 16.56
N ARG B 13 -5.22 26.19 15.52
CA ARG B 13 -6.66 26.07 15.45
C ARG B 13 -7.04 24.77 14.73
N PHE B 14 -6.11 24.05 14.10
CA PHE B 14 -6.49 22.88 13.32
C PHE B 14 -6.85 21.64 14.13
N PRO B 15 -6.30 21.34 15.33
CA PRO B 15 -6.61 20.05 15.98
C PRO B 15 -8.07 19.77 16.28
N ARG B 16 -8.74 20.81 16.77
CA ARG B 16 -10.18 20.80 17.00
C ARG B 16 -10.98 20.64 15.70
N MET B 17 -10.59 21.31 14.64
CA MET B 17 -11.38 21.30 13.40
C MET B 17 -11.27 19.94 12.75
N VAL B 18 -10.05 19.40 12.75
CA VAL B 18 -9.79 18.09 12.20
C VAL B 18 -10.58 17.06 12.99
N ARG B 19 -10.51 17.12 14.31
CA ARG B 19 -11.14 16.09 15.13
C ARG B 19 -12.68 16.16 15.05
N ASP B 20 -13.21 17.38 15.00
CA ASP B 20 -14.61 17.66 14.68
C ASP B 20 -14.99 17.08 13.31
N LEU B 21 -14.19 17.31 12.28
CA LEU B 21 -14.54 16.79 10.96
C LEU B 21 -14.44 15.26 10.91
N ALA B 22 -13.45 14.68 11.61
CA ALA B 22 -13.20 13.23 11.59
C ALA B 22 -14.41 12.50 12.17
N LYS B 23 -14.94 13.06 13.26
CA LYS B 23 -16.05 12.52 14.01
C LYS B 23 -17.36 12.61 13.20
N LYS B 24 -17.61 13.78 12.60
CA LYS B 24 -18.70 13.96 11.65
C LYS B 24 -18.70 12.91 10.52
N MET B 25 -17.55 12.40 10.07
CA MET B 25 -17.53 11.47 8.94
C MET B 25 -17.16 10.05 9.35
N ASN B 26 -17.16 9.77 10.65
CA ASN B 26 -16.99 8.41 11.16
C ASN B 26 -15.60 7.89 10.78
N LYS B 27 -14.57 8.74 10.91
CA LYS B 27 -13.19 8.34 10.62
C LYS B 27 -12.33 8.56 11.84
N GLU B 28 -11.40 7.62 12.05
CA GLU B 28 -10.42 7.70 13.12
C GLU B 28 -9.16 8.27 12.47
N VAL B 29 -8.75 9.48 12.92
CA VAL B 29 -7.64 10.23 12.36
C VAL B 29 -6.68 10.61 13.47
N ASN B 30 -5.42 10.17 13.31
CA ASN B 30 -4.30 10.65 14.04
C ASN B 30 -3.74 11.84 13.29
N PHE B 31 -3.94 13.02 13.84
CA PHE B 31 -3.53 14.25 13.28
C PHE B 31 -2.21 14.62 13.92
N ILE B 32 -1.18 14.78 13.12
CA ILE B 32 0.15 15.13 13.60
C ILE B 32 0.55 16.47 13.00
N MET B 33 0.99 17.41 13.87
CA MET B 33 1.56 18.66 13.36
C MET B 33 3.06 18.72 13.65
N ARG B 34 3.83 19.12 12.67
CA ARG B 34 5.29 19.27 12.84
C ARG B 34 5.74 20.66 12.38
N GLY B 35 6.76 21.21 13.08
CA GLY B 35 7.41 22.45 12.74
C GLY B 35 6.49 23.66 12.91
N GLU B 36 5.56 23.62 13.85
CA GLU B 36 4.67 24.76 14.10
C GLU B 36 5.39 26.03 14.59
N ASP B 37 6.65 25.91 15.08
CA ASP B 37 7.47 27.09 15.41
C ASP B 37 7.99 27.81 14.17
N THR B 38 7.83 27.22 12.97
CA THR B 38 8.41 27.79 11.74
C THR B 38 7.90 29.19 11.53
N GLU B 39 8.80 30.14 11.26
CA GLU B 39 8.37 31.53 11.20
C GLU B 39 8.40 31.99 9.76
N LEU B 40 7.44 32.84 9.42
CA LEU B 40 7.43 33.49 8.11
C LEU B 40 6.63 34.81 8.20
N ASP B 41 6.61 35.56 7.08
CA ASP B 41 5.93 36.86 7.00
C ASP B 41 4.48 36.64 7.42
N ARG B 42 3.99 37.47 8.34
CA ARG B 42 2.62 37.45 8.83
C ARG B 42 1.61 37.57 7.70
N THR B 43 1.91 38.25 6.59
CA THR B 43 1.02 38.24 5.44
C THR B 43 0.74 36.81 5.01
N PHE B 44 1.80 36.00 4.96
CA PHE B 44 1.65 34.65 4.46
C PHE B 44 0.82 33.85 5.46
N VAL B 45 1.12 34.01 6.77
CA VAL B 45 0.45 33.22 7.80
C VAL B 45 -1.07 33.45 7.71
N GLU B 46 -1.50 34.72 7.59
CA GLU B 46 -2.91 35.06 7.54
C GLU B 46 -3.56 34.53 6.25
N GLU B 47 -2.90 34.54 5.10
CA GLU B 47 -3.60 34.05 3.91
C GLU B 47 -3.52 32.53 3.71
N ILE B 48 -2.53 31.83 4.29
CA ILE B 48 -2.32 30.42 3.95
C ILE B 48 -3.35 29.54 4.70
N GLY B 49 -3.96 30.09 5.76
CA GLY B 49 -4.84 29.38 6.68
C GLY B 49 -6.04 28.70 6.05
N GLU B 50 -6.71 29.46 5.21
CA GLU B 50 -7.92 29.05 4.54
C GLU B 50 -7.58 27.93 3.54
N PRO B 51 -6.60 28.07 2.62
CA PRO B 51 -6.20 26.98 1.74
C PRO B 51 -5.75 25.73 2.48
N LEU B 52 -5.07 25.88 3.63
CA LEU B 52 -4.64 24.74 4.39
C LEU B 52 -5.84 24.00 4.99
N LEU B 53 -6.82 24.74 5.44
CA LEU B 53 -8.04 24.15 5.95
C LEU B 53 -8.69 23.28 4.88
N HIS B 54 -8.75 23.77 3.65
CA HIS B 54 -9.37 23.05 2.57
C HIS B 54 -8.60 21.77 2.32
N LEU B 55 -7.26 21.86 2.27
CA LEU B 55 -6.47 20.67 2.09
C LEU B 55 -6.67 19.65 3.19
N LEU B 56 -6.76 20.12 4.46
CA LEU B 56 -7.02 19.19 5.55
C LEU B 56 -8.40 18.54 5.43
N ARG B 57 -9.43 19.30 5.06
CA ARG B 57 -10.77 18.82 4.86
C ARG B 57 -10.81 17.78 3.74
N ASN B 58 -10.16 18.05 2.63
CA ASN B 58 -10.05 17.13 1.55
C ASN B 58 -9.45 15.80 2.00
N ALA B 59 -8.39 15.86 2.79
CA ALA B 59 -7.69 14.66 3.19
C ALA B 59 -8.61 13.83 4.06
N ILE B 60 -9.37 14.45 4.97
CA ILE B 60 -10.26 13.73 5.89
C ILE B 60 -11.46 13.12 5.13
N ASP B 61 -12.00 13.90 4.19
CA ASP B 61 -13.23 13.59 3.49
C ASP B 61 -12.98 12.58 2.38
N HIS B 62 -12.11 12.93 1.43
CA HIS B 62 -11.92 12.14 0.24
C HIS B 62 -10.73 11.22 0.38
N GLY B 63 -9.86 11.44 1.42
CA GLY B 63 -8.60 10.76 1.42
C GLY B 63 -8.66 9.57 2.36
N ILE B 64 -8.68 9.89 3.64
CA ILE B 64 -8.81 8.88 4.68
C ILE B 64 -10.15 8.17 4.50
N GLU B 65 -10.11 6.84 4.51
CA GLU B 65 -11.28 6.01 4.39
C GLU B 65 -11.87 5.75 5.77
N PRO B 66 -13.20 5.46 5.87
CA PRO B 66 -13.80 5.02 7.11
C PRO B 66 -13.10 3.75 7.60
N LYS B 67 -13.04 3.60 8.91
CA LYS B 67 -12.34 2.50 9.54
C LYS B 67 -12.76 1.14 8.98
N GLU B 68 -14.05 0.94 8.69
CA GLU B 68 -14.50 -0.31 8.11
C GLU B 68 -13.80 -0.54 6.77
N GLU B 69 -13.66 0.51 5.96
CA GLU B 69 -13.06 0.36 4.65
C GLU B 69 -11.54 0.19 4.76
N ARG B 70 -10.90 0.89 5.71
CA ARG B 70 -9.47 0.69 5.99
C ARG B 70 -9.20 -0.75 6.44
N ILE B 71 -10.05 -1.33 7.29
CA ILE B 71 -9.91 -2.67 7.76
C ILE B 71 -10.12 -3.66 6.62
N ALA B 72 -11.10 -3.47 5.74
CA ALA B 72 -11.33 -4.39 4.63
C ALA B 72 -10.14 -4.39 3.64
N LYS B 73 -9.48 -3.28 3.48
CA LYS B 73 -8.29 -3.17 2.65
C LYS B 73 -7.03 -3.57 3.39
N GLY B 74 -7.07 -4.00 4.66
CA GLY B 74 -5.86 -4.41 5.36
C GLY B 74 -4.96 -3.25 5.76
N LYS B 75 -5.53 -2.04 5.90
CA LYS B 75 -4.78 -0.92 6.39
C LYS B 75 -4.96 -0.76 7.89
N PRO B 76 -4.09 0.00 8.61
CA PRO B 76 -4.31 0.35 10.03
C PRO B 76 -5.68 1.03 10.16
N PRO B 77 -6.55 0.60 11.06
CA PRO B 77 -7.86 1.22 11.18
C PRO B 77 -7.80 2.73 11.40
N ILE B 78 -6.76 3.23 12.09
CA ILE B 78 -6.57 4.65 12.25
C ILE B 78 -5.80 5.23 11.08
N GLY B 79 -6.33 6.26 10.43
CA GLY B 79 -5.63 7.01 9.42
C GLY B 79 -4.73 8.10 10.01
N THR B 80 -3.67 8.41 9.25
CA THR B 80 -2.67 9.39 9.66
C THR B 80 -2.79 10.61 8.74
N LEU B 81 -2.85 11.78 9.35
CA LEU B 81 -2.81 13.06 8.65
C LEU B 81 -1.68 13.91 9.24
N ILE B 82 -0.73 14.35 8.46
CA ILE B 82 0.44 15.10 8.88
C ILE B 82 0.43 16.47 8.21
N LEU B 83 0.45 17.50 9.04
CA LEU B 83 0.66 18.87 8.56
C LEU B 83 2.02 19.34 9.03
N SER B 84 2.88 19.69 8.10
CA SER B 84 4.26 20.06 8.44
C SER B 84 4.61 21.45 7.91
N ALA B 85 5.58 22.09 8.55
CA ALA B 85 6.27 23.25 7.98
C ALA B 85 7.74 23.14 8.30
N ARG B 86 8.57 23.64 7.39
CA ARG B 86 10.00 23.67 7.62
C ARG B 86 10.60 24.69 6.69
N HIS B 87 11.81 25.11 7.04
CA HIS B 87 12.64 25.97 6.21
C HIS B 87 13.41 25.10 5.24
N GLU B 88 13.44 25.52 3.99
CA GLU B 88 14.32 24.98 2.98
C GLU B 88 14.99 26.16 2.26
N GLY B 89 16.22 26.45 2.70
CA GLY B 89 16.90 27.69 2.34
C GLY B 89 16.19 28.90 2.92
N ASN B 90 15.92 29.90 2.08
CA ASN B 90 15.02 31.00 2.41
C ASN B 90 13.59 30.75 1.91
N ASN B 91 13.19 29.51 1.60
CA ASN B 91 11.78 29.20 1.45
C ASN B 91 11.24 28.49 2.68
N VAL B 92 9.93 28.49 2.81
CA VAL B 92 9.20 27.63 3.72
C VAL B 92 8.37 26.64 2.89
N VAL B 93 8.46 25.35 3.26
CA VAL B 93 7.74 24.25 2.66
C VAL B 93 6.70 23.78 3.66
N ILE B 94 5.42 23.80 3.25
CA ILE B 94 4.30 23.26 4.03
C ILE B 94 3.75 22.04 3.31
N GLU B 95 3.56 20.94 4.03
CA GLU B 95 3.14 19.67 3.50
C GLU B 95 1.91 19.21 4.27
N VAL B 96 0.93 18.73 3.52
CA VAL B 96 -0.20 18.01 4.03
C VAL B 96 -0.15 16.61 3.48
N GLU B 97 0.09 15.63 4.37
CA GLU B 97 0.20 14.23 3.92
C GLU B 97 -0.87 13.38 4.59
N ASP B 98 -1.54 12.51 3.83
CA ASP B 98 -2.42 11.50 4.41
C ASP B 98 -2.08 10.09 3.89
N ASP B 99 -2.46 9.03 4.64
CA ASP B 99 -2.28 7.63 4.19
C ASP B 99 -3.62 7.02 3.76
N GLY B 100 -4.44 7.82 3.06
CA GLY B 100 -5.74 7.39 2.64
C GLY B 100 -5.73 6.74 1.24
N ARG B 101 -6.83 6.93 0.53
CA ARG B 101 -7.10 6.16 -0.66
C ARG B 101 -6.24 6.57 -1.86
N GLY B 102 -5.56 7.72 -1.81
CA GLY B 102 -4.81 8.22 -2.93
C GLY B 102 -5.73 8.71 -4.05
N ILE B 103 -5.11 9.26 -5.09
CA ILE B 103 -5.85 9.83 -6.20
C ILE B 103 -5.75 8.84 -7.33
N ASP B 104 -6.86 8.52 -7.98
CA ASP B 104 -6.84 7.62 -9.15
C ASP B 104 -6.46 8.40 -10.40
N LYS B 105 -5.22 8.24 -10.84
CA LYS B 105 -4.76 8.92 -12.04
C LYS B 105 -5.48 8.50 -13.33
N GLU B 106 -5.92 7.23 -13.39
CA GLU B 106 -6.68 6.71 -14.50
C GLU B 106 -8.00 7.42 -14.64
N LYS B 107 -8.64 7.69 -13.54
CA LYS B 107 -9.87 8.43 -13.44
C LYS B 107 -9.68 9.89 -13.86
N ILE B 108 -8.56 10.54 -13.47
CA ILE B 108 -8.26 11.89 -13.94
C ILE B 108 -8.19 11.91 -15.48
N ILE B 109 -7.47 10.94 -16.08
CA ILE B 109 -7.32 10.84 -17.52
C ILE B 109 -8.68 10.68 -18.20
N ARG B 110 -9.48 9.76 -17.68
CA ARG B 110 -10.80 9.53 -18.24
C ARG B 110 -11.63 10.79 -18.26
N LYS B 111 -11.60 11.52 -17.17
CA LYS B 111 -12.31 12.77 -17.11
C LYS B 111 -11.74 13.82 -18.04
N ALA B 112 -10.40 13.92 -18.11
CA ALA B 112 -9.80 14.88 -19.04
C ALA B 112 -10.18 14.58 -20.45
N ILE B 113 -10.26 13.27 -20.82
CA ILE B 113 -10.75 12.92 -22.16
C ILE B 113 -12.22 13.29 -22.31
N GLU B 114 -13.04 12.96 -21.31
CA GLU B 114 -14.47 13.25 -21.37
C GLU B 114 -14.70 14.75 -21.58
N LYS B 115 -13.96 15.62 -20.89
CA LYS B 115 -14.14 17.06 -20.99
C LYS B 115 -13.49 17.66 -22.22
N GLY B 116 -12.79 16.85 -23.04
CA GLY B 116 -12.21 17.34 -24.26
C GLY B 116 -10.91 18.10 -24.03
N LEU B 117 -10.28 17.95 -22.87
CA LEU B 117 -9.03 18.65 -22.62
C LEU B 117 -7.84 17.92 -23.25
N ILE B 118 -7.96 16.61 -23.48
CA ILE B 118 -6.92 15.84 -24.15
C ILE B 118 -7.58 14.71 -24.94
N ASP B 119 -6.89 14.17 -25.94
CA ASP B 119 -7.34 13.01 -26.70
C ASP B 119 -6.64 11.75 -26.20
N GLU B 120 -7.20 10.59 -26.52
CA GLU B 120 -6.80 9.30 -25.97
C GLU B 120 -5.35 8.99 -26.34
N SER B 121 -4.93 9.24 -27.58
CA SER B 121 -3.58 8.86 -28.01
C SER B 121 -2.51 9.57 -27.17
N LYS B 122 -2.76 10.84 -26.83
CA LYS B 122 -1.83 11.68 -26.09
C LYS B 122 -1.97 11.50 -24.59
N ALA B 123 -2.69 10.48 -24.10
CA ALA B 123 -2.79 10.20 -22.68
C ALA B 123 -1.53 9.50 -22.18
N ALA B 124 -0.75 8.89 -23.10
CA ALA B 124 0.63 8.51 -22.78
C ALA B 124 1.64 9.54 -23.32
N THR B 125 1.21 10.83 -23.46
CA THR B 125 2.13 11.98 -23.58
C THR B 125 2.43 12.56 -22.18
N LEU B 126 1.82 11.96 -21.13
CA LEU B 126 1.59 12.62 -19.88
C LEU B 126 2.39 11.97 -18.75
N SER B 127 3.25 12.74 -18.07
CA SER B 127 3.85 12.30 -16.79
C SER B 127 2.81 12.27 -15.68
N ASP B 128 3.18 11.69 -14.54
CA ASP B 128 2.33 11.69 -13.36
C ASP B 128 1.98 13.10 -12.84
N GLN B 129 2.92 14.03 -12.88
CA GLN B 129 2.70 15.42 -12.52
C GLN B 129 1.78 16.16 -13.50
N GLU B 130 1.91 15.91 -14.78
CA GLU B 130 0.98 16.52 -15.74
C GLU B 130 -0.42 15.96 -15.52
N ILE B 131 -0.55 14.68 -15.12
CA ILE B 131 -1.87 14.12 -14.84
C ILE B 131 -2.44 14.79 -13.61
N LEU B 132 -1.71 14.78 -12.47
CA LEU B 132 -2.22 15.40 -11.25
C LEU B 132 -2.51 16.91 -11.39
N ASN B 133 -1.80 17.62 -12.24
CA ASN B 133 -2.08 19.03 -12.51
C ASN B 133 -3.45 19.36 -13.08
N PHE B 134 -4.12 18.40 -13.71
CA PHE B 134 -5.49 18.61 -14.10
C PHE B 134 -6.35 18.95 -12.89
N LEU B 135 -5.99 18.52 -11.70
CA LEU B 135 -6.80 18.87 -10.54
C LEU B 135 -6.89 20.38 -10.28
N PHE B 136 -5.99 21.18 -10.82
CA PHE B 136 -6.01 22.63 -10.60
C PHE B 136 -6.86 23.31 -11.63
N VAL B 137 -7.34 22.57 -12.63
CA VAL B 137 -8.10 23.14 -13.70
C VAL B 137 -9.49 23.42 -13.17
N PRO B 138 -10.02 24.65 -13.26
CA PRO B 138 -11.30 24.97 -12.59
C PRO B 138 -12.45 24.13 -13.13
N GLY B 139 -13.30 23.60 -12.25
CA GLY B 139 -14.43 22.78 -12.64
C GLY B 139 -14.08 21.29 -12.78
N PHE B 140 -12.83 20.87 -12.55
CA PHE B 140 -12.43 19.56 -13.02
C PHE B 140 -13.26 18.50 -12.29
N SER B 141 -13.41 18.61 -10.96
CA SER B 141 -14.32 17.74 -10.22
C SER B 141 -15.68 18.45 -10.08
N VAL B 154 -12.92 27.15 -1.68
CA VAL B 154 -12.96 25.65 -1.77
C VAL B 154 -12.74 25.23 -3.22
N GLY B 155 -11.83 24.29 -3.40
CA GLY B 155 -11.44 23.76 -4.70
C GLY B 155 -9.96 24.00 -4.92
N MET B 156 -9.36 23.08 -5.65
CA MET B 156 -7.93 23.01 -5.84
C MET B 156 -7.48 24.18 -6.69
N ASP B 157 -8.30 24.60 -7.67
CA ASP B 157 -8.04 25.75 -8.50
C ASP B 157 -7.81 27.00 -7.65
N VAL B 158 -8.71 27.28 -6.71
CA VAL B 158 -8.59 28.41 -5.79
C VAL B 158 -7.38 28.26 -4.86
N VAL B 159 -7.07 27.08 -4.33
CA VAL B 159 -5.90 26.88 -3.53
C VAL B 159 -4.65 27.32 -4.33
N LYS B 160 -4.57 26.87 -5.60
CA LYS B 160 -3.47 27.22 -6.46
C LYS B 160 -3.41 28.72 -6.63
N ASN B 161 -4.55 29.38 -6.87
CA ASN B 161 -4.51 30.81 -7.11
C ASN B 161 -4.04 31.57 -5.88
N VAL B 162 -4.46 31.18 -4.70
CA VAL B 162 -3.96 31.85 -3.50
C VAL B 162 -2.43 31.65 -3.41
N VAL B 163 -1.95 30.42 -3.64
CA VAL B 163 -0.52 30.16 -3.53
C VAL B 163 0.28 30.97 -4.53
N GLU B 164 -0.16 31.00 -5.77
CA GLU B 164 0.48 31.84 -6.79
C GLU B 164 0.43 33.33 -6.49
N SER B 165 -0.63 33.81 -5.87
CA SER B 165 -0.69 35.20 -5.38
C SER B 165 0.40 35.49 -4.39
N LEU B 166 0.86 34.48 -3.65
CA LEU B 166 1.91 34.65 -2.64
C LEU B 166 3.31 34.39 -3.20
N ASN B 167 3.42 34.32 -4.54
CA ASN B 167 4.65 33.98 -5.24
C ASN B 167 5.08 32.57 -4.87
N GLY B 168 4.14 31.68 -4.56
CA GLY B 168 4.49 30.31 -4.14
C GLY B 168 4.28 29.29 -5.23
N SER B 169 4.61 28.03 -4.93
CA SER B 169 4.39 26.92 -5.86
C SER B 169 3.65 25.83 -5.07
N ILE B 170 2.98 24.97 -5.79
CA ILE B 170 2.15 23.95 -5.18
C ILE B 170 2.30 22.68 -6.02
N SER B 171 2.40 21.55 -5.36
CA SER B 171 2.51 20.29 -6.08
C SER B 171 1.75 19.22 -5.33
N ILE B 172 1.36 18.21 -6.09
CA ILE B 172 0.61 17.11 -5.55
C ILE B 172 1.39 15.86 -5.90
N GLU B 173 1.43 14.93 -4.97
CA GLU B 173 1.90 13.57 -5.24
C GLU B 173 0.95 12.57 -4.64
N SER B 174 0.74 11.44 -5.29
CA SER B 174 -0.23 10.48 -4.80
C SER B 174 0.06 9.08 -5.32
N GLU B 175 -0.43 8.10 -4.61
CA GLU B 175 -0.27 6.73 -5.01
C GLU B 175 -1.55 6.06 -4.53
N LYS B 176 -2.26 5.38 -5.43
CA LYS B 176 -3.60 4.80 -5.19
C LYS B 176 -3.49 3.77 -4.05
N ASP B 177 -4.37 3.85 -3.06
CA ASP B 177 -4.35 3.05 -1.85
C ASP B 177 -3.26 3.44 -0.84
N LYS B 178 -2.26 4.24 -1.18
CA LYS B 178 -1.19 4.56 -0.28
C LYS B 178 -1.39 5.96 0.30
N GLY B 179 -1.83 6.91 -0.49
CA GLY B 179 -2.15 8.23 0.03
C GLY B 179 -1.60 9.36 -0.83
N THR B 180 -1.59 10.55 -0.24
CA THR B 180 -1.50 11.80 -0.97
C THR B 180 -0.63 12.77 -0.17
N LYS B 181 0.24 13.49 -0.89
CA LYS B 181 0.96 14.62 -0.32
C LYS B 181 0.84 15.85 -1.21
N VAL B 182 0.36 16.92 -0.60
CA VAL B 182 0.35 18.25 -1.20
C VAL B 182 1.43 19.13 -0.55
N THR B 183 2.32 19.69 -1.39
CA THR B 183 3.42 20.52 -0.89
C THR B 183 3.24 21.94 -1.42
N ILE B 184 3.32 22.90 -0.52
CA ILE B 184 3.29 24.31 -0.85
C ILE B 184 4.67 24.90 -0.53
N ARG B 185 5.28 25.59 -1.49
CA ARG B 185 6.56 26.25 -1.26
C ARG B 185 6.30 27.75 -1.29
N LEU B 186 6.62 28.46 -0.21
CA LEU B 186 6.46 29.89 -0.15
C LEU B 186 7.79 30.61 0.06
N PRO B 187 8.01 31.82 -0.46
CA PRO B 187 9.20 32.60 -0.13
C PRO B 187 9.04 33.07 1.33
N LEU B 188 10.14 33.51 1.96
CA LEU B 188 10.16 33.81 3.40
C LEU B 188 9.60 35.22 3.66
N THR B 189 9.74 36.10 2.69
CA THR B 189 9.41 37.50 2.84
C THR B 189 8.61 38.06 1.63
#